data_4QLM
#
_entry.id   4QLM
#
_cell.length_a   78.767
_cell.length_b   87.975
_cell.length_c   145.235
_cell.angle_alpha   90.00
_cell.angle_beta   90.00
_cell.angle_gamma   90.00
#
_symmetry.space_group_name_H-M   'C 2 2 21'
#
loop_
_entity.id
_entity.type
_entity.pdbx_description
1 polymer 'RNA (108-MER)'
2 non-polymer 'MAGNESIUM ION'
3 non-polymer "(2R,3R,3aS,5R,7aR,9R,10R,10aS,12R,14aR)-2,9-bis(6-amino-9H-purin-9-yl)octahydro-2H,7H-difuro[3,2-d:3',2'-j][1,3,7,9,2,8 ]tetraoxadiphosphacyclododecine-3,5,10,12-tetrol 5,12-dioxide"
4 non-polymer 'SULFATE ION'
5 water water
#
_entity_poly.entity_id   1
_entity_poly.type   'polyribonucleotide'
_entity_poly.pdbx_seq_one_letter_code
;GGAUCGCUGAACCCGAAAGGGGCGGGGGACCCAGAAAUGGGGCGAAUCUCUUCCGAAAGGAAGAGUAGGGUUACUCCUUC
GACCCGAGCCCGUCAGCUAACCUCGCAAGCGUCCGAAGGAGAAUC
;
_entity_poly.pdbx_strand_id   A
#
loop_
_chem_comp.id
_chem_comp.type
_chem_comp.name
_chem_comp.formula
2BA non-polymer '(2R,3R,3aS,5R,7aR,9R,10R,10aS,12R,14aR)-2,9-bis(6-amino-9H-purin-9-yl)octahydro-2H,7H-difuro[3,2-d:3',2'-j][1,3,7,9,2,8 ]tetraoxadiphosphacyclododecine-3,5,10,12-tetrol 5,12-dioxide' 'C20 H24 N10 O12 P2'
A RNA linking ADENOSINE-5'-MONOPHOSPHATE 'C10 H14 N5 O7 P'
C RNA linking CYTIDINE-5'-MONOPHOSPHATE 'C9 H14 N3 O8 P'
G RNA linking GUANOSINE-5'-MONOPHOSPHATE 'C10 H14 N5 O8 P'
MG non-polymer 'MAGNESIUM ION' 'Mg 2'
SO4 non-polymer 'SULFATE ION' 'O4 S -2'
U RNA linking URIDINE-5'-MONOPHOSPHATE 'C9 H13 N2 O9 P'
#
# COMPACT_ATOMS: atom_id res chain seq x y z
MG MG B . 20.48 6.25 7.63
MG MG C . -16.32 10.74 -4.46
P 2BA D . -12.41 -1.97 1.55
O1P 2BA D . -11.84 -0.59 1.19
O2P 2BA D . -11.29 -2.96 1.37
O5' 2BA D . -12.89 -1.87 3.02
C5' 2BA D . -12.07 -1.25 4.00
C4' 2BA D . -12.84 -1.07 5.30
O4' 2BA D . -11.98 -1.05 6.28
C3' 2BA D . -13.55 0.27 5.30
O3' 2BA D . -14.82 0.16 5.76
C2' 2BA D . -12.78 1.14 6.35
O2' 2BA D . -13.65 1.31 7.53
C1' 2BA D . -11.71 0.48 6.65
N9 2BA D . -10.53 1.18 6.08
C8 2BA D . -10.46 1.28 4.74
N7 2BA D . -9.37 1.98 4.37
C5 2BA D . -8.75 2.35 5.53
C6 2BA D . -7.59 3.07 5.78
N6 2BA D . -6.76 3.63 4.78
N1 2BA D . -7.21 3.29 7.05
C2 2BA D . -7.92 2.82 8.11
N3 2BA D . -9.07 2.09 7.87
C4 2BA D . -9.47 1.88 6.57
P1 2BA D . -15.93 0.68 4.72
O1P1 2BA D . -17.25 0.58 5.47
O2P1 2BA D . -15.86 2.13 4.16
O5'1 2BA D . -15.97 -0.49 3.59
C5'1 2BA D . -15.75 0.20 2.35
C4'1 2BA D . -15.69 -0.89 1.22
O4'1 2BA D . -16.54 -0.51 0.35
C3'1 2BA D . -14.31 -0.91 0.53
O3'1 2BA D . -13.72 -2.13 0.50
C2'1 2BA D . -14.55 -0.32 -0.89
O2'1 2BA D . -14.33 -1.38 -1.93
C1'1 2BA D . -15.77 0.07 -0.92
N91 2BA D . -15.94 1.49 -1.02
C81 2BA D . -15.90 2.35 0.02
N71 2BA D . -16.09 3.61 -0.47
C51 2BA D . -16.24 3.50 -1.81
C61 2BA D . -16.47 4.42 -2.81
N61 2BA D . -16.60 5.85 -2.69
N11 2BA D . -16.57 4.00 -4.09
C21 2BA D . -16.45 2.68 -4.42
N31 2BA D . -16.23 1.77 -3.41
C41 2BA D . -16.14 2.20 -2.13
P 2BA E . 9.63 -4.98 3.04
O1P 2BA E . 8.66 -6.03 2.50
O2P 2BA E . 8.89 -4.26 4.14
O5' 2BA E . 9.97 -4.08 1.81
C5' 2BA E . 9.93 -4.73 0.53
C4' 2BA E . 10.22 -3.72 -0.58
O4' 2BA E . 9.12 -3.13 -0.89
C3' 2BA E . 11.20 -2.65 -0.17
O3' 2BA E . 12.41 -3.02 -0.67
C2' 2BA E . 10.68 -1.37 -0.90
O2' 2BA E . 11.49 -1.10 -2.12
C1' 2BA E . 9.44 -1.60 -1.21
N9 2BA E . 8.54 -0.72 -0.46
C8 2BA E . 8.39 -1.05 0.83
N7 2BA E . 7.56 -0.15 1.41
C5 2BA E . 7.21 0.77 0.47
C6 2BA E . 6.39 1.89 0.52
N6 2BA E . 5.69 2.35 1.66
N1 2BA E . 6.21 2.65 -0.59
C2 2BA E . 6.84 2.28 -1.74
N3 2BA E . 7.65 1.18 -1.80
C4 2BA E . 7.82 0.42 -0.68
P1 2BA E . 13.67 -2.68 0.29
O1P1 2BA E . 13.60 -1.21 0.65
O2P1 2BA E . 15.03 -2.92 -0.41
O5'1 2BA E . 13.38 -3.47 1.71
C5'1 2BA E . 13.30 -4.91 1.53
C4'1 2BA E . 13.15 -5.51 2.98
O4'1 2BA E . 14.10 -5.00 3.66
C3'1 2BA E . 11.90 -4.96 3.69
O3'1 2BA E . 10.90 -5.85 3.66
C2'1 2BA E . 12.31 -4.64 5.14
O2'1 2BA E . 11.83 -5.70 6.08
C1'1 2BA E . 13.60 -4.62 5.12
N91 2BA E . 14.14 -3.34 5.46
C81 2BA E . 14.25 -2.35 4.55
N71 2BA E . 14.80 -1.28 5.17
C51 2BA E . 15.05 -1.60 6.46
C61 2BA E . 15.60 -0.92 7.54
N61 2BA E . 16.08 0.44 7.59
N11 2BA E . 15.71 -1.51 8.74
C21 2BA E . 15.29 -2.80 8.91
N31 2BA E . 14.76 -3.48 7.85
C41 2BA E . 14.63 -2.88 6.64
S SO4 F . 4.44 6.06 -24.25
O1 SO4 F . 4.97 7.35 -24.69
O2 SO4 F . 5.53 5.07 -24.26
O3 SO4 F . 3.90 6.21 -22.91
O4 SO4 F . 3.39 5.62 -25.18
S SO4 G . 11.98 1.97 -20.30
O1 SO4 G . 11.59 3.37 -20.18
O2 SO4 G . 13.43 1.87 -20.14
O3 SO4 G . 11.33 1.16 -19.27
O4 SO4 G . 11.57 1.46 -21.60
#